data_3RZG
#
_entry.id   3RZG
#
_cell.length_a   46.149
_cell.length_b   60.980
_cell.length_c   65.209
_cell.angle_alpha   90.00
_cell.angle_beta   89.23
_cell.angle_gamma   90.00
#
_symmetry.space_group_name_H-M   'P 1 21 1'
#
loop_
_entity.id
_entity.type
_entity.pdbx_description
1 polymer 'Alpha-ketoglutarate-dependent dioxygenase alkB homolog 2'
2 polymer "5'-D(*CP*TP*GP*TP*CP*AP*TP*CP*AP*CP*TP*GP*CP*G)-3'"
3 polymer "5'-D(*TP*CP*GP*CP*AP*GP*TP*GP*AP*TP*GP*AP*CP*A)-3'"
4 non-polymer GLYCEROL
5 non-polymer propane-1-thiol
6 water water
#
loop_
_entity_poly.entity_id
_entity_poly.type
_entity_poly.pdbx_seq_one_letter_code
_entity_poly.pdbx_strand_id
1 'polypeptide(L)'
;GSMSWRHIRAEGLDSSYTVLFGKAEADEIFQELEKEVEYFTGALARVQVFGKWHSVPRKQATYGDAGLTYTFSGLTLSPK
PWIPVLERIRDHVSGVTGQTFNFVLINRYKDGSDHICEHRDDERDLAPGSPIASVSFGASRDFVFRHKDSRGKSPSRRVA
VVRLPLAHGSLLMMNHPTNTHWYHSLPVRKKVLAPRVNLTFRKILLTKK
;
A
2 'polydeoxyribonucleotide' (DC)(DT)(DG)(DT)(DC)(DA)(DT)(DC)(DA)(DC)(DT)(DG)(DC)(DG) B
3 'polydeoxyribonucleotide' (DT)(DC)(DG)(DC)(DA)(DG)(DT)(DG)(DA)(DT)(DG)(DA)(DC)(DA) C
#
loop_
_chem_comp.id
_chem_comp.type
_chem_comp.name
_chem_comp.formula
DA DNA linking 2'-DEOXYADENOSINE-5'-MONOPHOSPHATE 'C10 H14 N5 O6 P'
DC DNA linking 2'-DEOXYCYTIDINE-5'-MONOPHOSPHATE 'C9 H14 N3 O7 P'
DG DNA linking 2'-DEOXYGUANOSINE-5'-MONOPHOSPHATE 'C10 H14 N5 O7 P'
DT DNA linking THYMIDINE-5'-MONOPHOSPHATE 'C10 H15 N2 O8 P'
GOL non-polymer GLYCEROL 'C3 H8 O3'
XL3 non-polymer propane-1-thiol 'C3 H8 S'
#
# COMPACT_ATOMS: atom_id res chain seq x y z
N MET A 3 5.95 12.79 -18.17
CA MET A 3 5.15 11.76 -17.44
C MET A 3 3.65 12.01 -17.60
N SER A 4 2.86 10.94 -17.55
CA SER A 4 1.42 11.02 -17.74
C SER A 4 0.68 10.50 -16.52
N TRP A 5 -0.32 11.26 -16.06
CA TRP A 5 -1.12 10.87 -14.89
C TRP A 5 -2.54 10.49 -15.26
N ARG A 6 -2.99 9.36 -14.72
CA ARG A 6 -4.40 8.96 -14.82
C ARG A 6 -5.11 9.37 -13.53
N HIS A 7 -6.12 10.21 -13.69
N HIS A 7 -6.13 10.21 -13.65
CA HIS A 7 -6.97 10.64 -12.60
CA HIS A 7 -6.86 10.67 -12.47
C HIS A 7 -8.04 9.58 -12.39
C HIS A 7 -8.12 9.83 -12.23
N ILE A 8 -8.05 9.00 -11.20
CA ILE A 8 -9.11 8.04 -10.85
C ILE A 8 -10.17 8.73 -10.02
N ARG A 9 -11.37 8.82 -10.59
CA ARG A 9 -12.47 9.53 -10.00
C ARG A 9 -13.75 8.72 -9.92
N ALA A 10 -14.37 8.78 -8.74
CA ALA A 10 -15.71 8.27 -8.51
C ALA A 10 -16.29 8.99 -7.30
N GLU A 11 -17.49 8.59 -6.87
CA GLU A 11 -18.11 9.19 -5.70
C GLU A 11 -17.28 8.93 -4.43
N GLY A 12 -16.68 10.00 -3.90
CA GLY A 12 -15.85 9.92 -2.70
C GLY A 12 -14.50 9.26 -2.92
N LEU A 13 -14.11 9.15 -4.19
CA LEU A 13 -12.83 8.53 -4.58
C LEU A 13 -11.97 9.53 -5.35
N ASP A 14 -10.74 9.75 -4.88
CA ASP A 14 -9.82 10.68 -5.51
C ASP A 14 -8.41 10.10 -5.40
N SER A 15 -7.96 9.48 -6.49
CA SER A 15 -6.60 8.94 -6.55
C SER A 15 -5.96 9.27 -7.90
N SER A 16 -4.63 9.24 -7.93
N SER A 16 -4.62 9.24 -7.94
CA SER A 16 -3.89 9.49 -9.16
CA SER A 16 -3.91 9.50 -9.19
C SER A 16 -2.88 8.38 -9.37
C SER A 16 -2.79 8.48 -9.41
N TYR A 17 -2.70 7.98 -10.63
CA TYR A 17 -1.81 6.87 -10.96
C TYR A 17 -0.84 7.24 -12.07
N THR A 18 0.42 6.89 -11.88
CA THR A 18 1.43 7.08 -12.93
C THR A 18 2.52 6.03 -12.80
N VAL A 19 3.21 5.76 -13.90
CA VAL A 19 4.44 4.98 -13.84
C VAL A 19 5.58 5.95 -13.52
N LEU A 20 5.99 5.94 -12.25
CA LEU A 20 6.93 6.94 -11.74
C LEU A 20 8.38 6.61 -12.04
N PHE A 21 8.72 5.33 -11.97
CA PHE A 21 10.07 4.84 -12.24
C PHE A 21 10.11 4.08 -13.56
N GLY A 22 11.06 4.44 -14.41
CA GLY A 22 11.30 3.70 -15.66
C GLY A 22 11.81 2.31 -15.36
N LYS A 23 11.77 1.44 -16.37
CA LYS A 23 12.08 0.01 -16.18
C LYS A 23 13.45 -0.25 -15.56
N ALA A 24 14.49 0.39 -16.11
CA ALA A 24 15.85 0.18 -15.62
C ALA A 24 15.99 0.55 -14.14
N GLU A 25 15.46 1.72 -13.77
CA GLU A 25 15.54 2.17 -12.38
C GLU A 25 14.67 1.31 -11.46
N ALA A 26 13.46 0.98 -11.94
CA ALA A 26 12.55 0.13 -11.16
C ALA A 26 13.14 -1.28 -10.94
N ASP A 27 13.81 -1.81 -11.95
CA ASP A 27 14.54 -3.08 -11.81
C ASP A 27 15.62 -3.02 -10.73
N GLU A 28 16.43 -1.95 -10.75
CA GLU A 28 17.51 -1.78 -9.77
C GLU A 28 16.95 -1.67 -8.35
N ILE A 29 15.88 -0.89 -8.22
CA ILE A 29 15.25 -0.65 -6.93
C ILE A 29 14.68 -1.97 -6.39
N PHE A 30 13.99 -2.73 -7.24
CA PHE A 30 13.42 -4.01 -6.84
C PHE A 30 14.51 -4.97 -6.32
N GLN A 31 15.62 -5.06 -7.06
CA GLN A 31 16.74 -5.89 -6.64
C GLN A 31 17.26 -5.51 -5.27
N GLU A 32 17.42 -4.21 -5.04
CA GLU A 32 17.92 -3.72 -3.75
C GLU A 32 16.91 -3.95 -2.62
N LEU A 33 15.63 -3.72 -2.88
CA LEU A 33 14.60 -4.03 -1.89
C LEU A 33 14.61 -5.51 -1.49
N GLU A 34 14.76 -6.39 -2.49
CA GLU A 34 14.75 -7.81 -2.20
C GLU A 34 15.96 -8.22 -1.34
N LYS A 35 17.09 -7.55 -1.55
CA LYS A 35 18.28 -7.85 -0.74
C LYS A 35 18.17 -7.32 0.69
N GLU A 36 17.66 -6.11 0.84
CA GLU A 36 17.86 -5.34 2.06
C GLU A 36 16.68 -5.27 3.04
N VAL A 37 15.44 -5.35 2.54
CA VAL A 37 14.30 -5.19 3.43
C VAL A 37 14.21 -6.35 4.43
N GLU A 38 14.04 -6.00 5.70
CA GLU A 38 13.90 -6.98 6.78
C GLU A 38 12.43 -7.06 7.17
N TYR A 39 11.84 -8.23 6.99
CA TYR A 39 10.41 -8.44 7.25
C TYR A 39 10.13 -9.02 8.63
N PHE A 40 8.92 -8.79 9.14
CA PHE A 40 8.50 -9.31 10.44
C PHE A 40 8.48 -10.83 10.46
N THR A 41 8.85 -11.40 11.62
CA THR A 41 8.72 -12.82 11.90
C THR A 41 8.01 -12.98 13.25
N GLY A 42 7.63 -14.20 13.60
CA GLY A 42 7.02 -14.47 14.90
C GLY A 42 5.60 -13.92 15.02
N ALA A 43 5.26 -13.45 16.23
CA ALA A 43 3.90 -12.98 16.54
C ALA A 43 3.35 -11.93 15.57
N LEU A 44 4.20 -11.03 15.12
CA LEU A 44 3.79 -9.96 14.21
C LEU A 44 3.36 -10.48 12.84
N ALA A 45 3.73 -11.72 12.54
CA ALA A 45 3.33 -12.38 11.28
C ALA A 45 2.11 -13.30 11.44
N ARG A 46 1.46 -13.19 12.59
CA ARG A 46 0.24 -13.96 12.87
C ARG A 46 -0.94 -13.04 13.12
N VAL A 47 -2.12 -13.49 12.73
CA VAL A 47 -3.34 -12.71 12.92
C VAL A 47 -4.52 -13.60 13.26
N GLN A 48 -5.32 -13.17 14.23
CA GLN A 48 -6.50 -13.91 14.62
C GLN A 48 -7.73 -13.34 13.89
N VAL A 49 -8.44 -14.23 13.22
CA VAL A 49 -9.59 -13.82 12.43
C VAL A 49 -10.73 -14.79 12.75
N PHE A 50 -11.84 -14.25 13.24
CA PHE A 50 -12.98 -15.07 13.67
C PHE A 50 -12.58 -16.23 14.59
N GLY A 51 -11.66 -15.93 15.51
CA GLY A 51 -11.25 -16.88 16.54
C GLY A 51 -10.22 -17.92 16.09
N LYS A 52 -9.74 -17.78 14.86
CA LYS A 52 -8.74 -18.72 14.34
C LYS A 52 -7.47 -17.98 13.95
N TRP A 53 -6.33 -18.56 14.30
CA TRP A 53 -5.03 -17.95 14.01
C TRP A 53 -4.48 -18.37 12.67
N HIS A 54 -4.06 -17.38 11.88
CA HIS A 54 -3.49 -17.60 10.57
C HIS A 54 -2.19 -16.85 10.43
N SER A 55 -1.35 -17.25 9.46
CA SER A 55 -0.24 -16.40 9.06
C SER A 55 -0.77 -15.27 8.20
N VAL A 56 -0.20 -14.08 8.37
CA VAL A 56 -0.50 -12.95 7.49
C VAL A 56 -0.08 -13.37 6.07
N PRO A 57 -0.97 -13.25 5.06
CA PRO A 57 -0.68 -13.80 3.74
C PRO A 57 0.15 -12.87 2.85
N ARG A 58 1.27 -12.41 3.40
CA ARG A 58 2.23 -11.49 2.77
C ARG A 58 3.24 -11.16 3.88
N LYS A 59 4.45 -10.77 3.49
CA LYS A 59 5.43 -10.32 4.47
C LYS A 59 5.27 -8.82 4.68
N GLN A 60 5.56 -8.33 5.89
CA GLN A 60 5.39 -6.91 6.20
C GLN A 60 6.60 -6.35 6.93
N ALA A 61 6.80 -5.04 6.77
CA ALA A 61 7.86 -4.32 7.48
C ALA A 61 7.49 -2.84 7.59
N THR A 62 8.02 -2.16 8.60
CA THR A 62 7.90 -0.71 8.69
C THR A 62 9.25 -0.04 8.84
N TYR A 63 9.39 1.12 8.18
CA TYR A 63 10.58 1.95 8.28
C TYR A 63 10.10 3.38 8.43
N GLY A 64 10.91 4.24 9.03
CA GLY A 64 10.51 5.64 9.14
C GLY A 64 11.52 6.50 9.87
N ASP A 65 11.16 7.77 10.05
CA ASP A 65 12.00 8.74 10.77
C ASP A 65 12.30 8.29 12.19
N ALA A 66 13.46 8.71 12.71
CA ALA A 66 13.81 8.45 14.10
C ALA A 66 12.81 9.08 15.06
N GLY A 67 12.56 8.39 16.17
CA GLY A 67 11.71 8.92 17.24
C GLY A 67 10.23 8.71 17.07
N LEU A 68 9.82 8.08 15.97
CA LEU A 68 8.41 7.82 15.70
C LEU A 68 7.98 6.48 16.31
N THR A 69 6.72 6.42 16.71
CA THR A 69 6.09 5.18 17.14
C THR A 69 4.72 5.05 16.46
N TYR A 70 4.21 3.83 16.40
CA TYR A 70 2.92 3.56 15.76
C TYR A 70 2.24 2.36 16.44
N THR A 71 0.99 2.09 16.05
CA THR A 71 0.26 0.94 16.57
C THR A 71 0.17 -0.16 15.52
N PHE A 72 0.67 -1.35 15.86
CA PHE A 72 0.53 -2.50 14.98
C PHE A 72 -0.13 -3.65 15.74
N SER A 73 -1.46 -3.69 15.64
CA SER A 73 -2.31 -4.68 16.32
C SER A 73 -2.12 -4.66 17.84
N GLY A 74 -2.59 -3.59 18.47
CA GLY A 74 -2.55 -3.45 19.94
C GLY A 74 -1.19 -3.17 20.57
N LEU A 75 -0.14 -3.10 19.75
CA LEU A 75 1.22 -2.89 20.25
C LEU A 75 1.82 -1.57 19.79
N THR A 76 2.57 -0.90 20.68
CA THR A 76 3.32 0.30 20.33
C THR A 76 4.72 -0.09 19.84
N LEU A 77 5.01 0.22 18.59
CA LEU A 77 6.27 -0.19 17.97
C LEU A 77 7.04 0.99 17.38
N SER A 78 8.33 0.80 17.17
CA SER A 78 9.18 1.76 16.46
C SER A 78 9.54 1.19 15.09
N PRO A 79 9.40 2.01 14.04
CA PRO A 79 9.80 1.52 12.72
C PRO A 79 11.32 1.46 12.62
N LYS A 80 11.83 0.63 11.71
CA LYS A 80 13.27 0.53 11.48
C LYS A 80 13.79 1.82 10.86
N PRO A 81 15.06 2.18 11.15
CA PRO A 81 15.60 3.38 10.54
C PRO A 81 15.69 3.26 9.01
N TRP A 82 15.52 4.38 8.32
CA TRP A 82 15.59 4.40 6.87
C TRP A 82 16.86 3.74 6.36
N ILE A 83 16.74 3.02 5.25
CA ILE A 83 17.89 2.57 4.47
C ILE A 83 17.89 3.33 3.15
N PRO A 84 19.05 3.46 2.50
CA PRO A 84 19.16 4.30 1.30
C PRO A 84 18.15 4.04 0.19
N VAL A 85 17.86 2.78 -0.12
CA VAL A 85 16.92 2.50 -1.22
C VAL A 85 15.53 3.07 -0.93
N LEU A 86 15.12 3.03 0.33
CA LEU A 86 13.82 3.57 0.74
C LEU A 86 13.81 5.09 0.70
N GLU A 87 14.92 5.71 1.09
CA GLU A 87 15.06 7.16 0.96
C GLU A 87 15.05 7.60 -0.50
N ARG A 88 15.70 6.82 -1.37
N ARG A 88 15.68 6.80 -1.37
CA ARG A 88 15.69 7.07 -2.81
CA ARG A 88 15.69 7.05 -2.82
C ARG A 88 14.25 7.14 -3.33
C ARG A 88 14.29 7.07 -3.42
N ILE A 89 13.46 6.11 -2.99
CA ILE A 89 12.07 6.04 -3.43
C ILE A 89 11.30 7.24 -2.87
N ARG A 90 11.43 7.48 -1.57
CA ARG A 90 10.71 8.57 -0.91
C ARG A 90 11.05 9.93 -1.53
N ASP A 91 12.34 10.16 -1.78
CA ASP A 91 12.78 11.44 -2.35
C ASP A 91 12.24 11.68 -3.76
N HIS A 92 12.14 10.62 -4.56
CA HIS A 92 11.57 10.77 -5.89
C HIS A 92 10.07 11.06 -5.84
N VAL A 93 9.35 10.37 -4.97
CA VAL A 93 7.91 10.62 -4.80
C VAL A 93 7.68 12.06 -4.35
N SER A 94 8.43 12.48 -3.34
CA SER A 94 8.32 13.84 -2.80
C SER A 94 8.72 14.91 -3.81
N GLY A 95 9.78 14.65 -4.56
CA GLY A 95 10.27 15.61 -5.56
C GLY A 95 9.25 15.87 -6.66
N VAL A 96 8.58 14.81 -7.09
CA VAL A 96 7.58 14.86 -8.14
C VAL A 96 6.26 15.46 -7.64
N THR A 97 5.78 14.99 -6.49
CA THR A 97 4.43 15.33 -6.01
C THR A 97 4.36 16.55 -5.09
N GLY A 98 5.47 16.88 -4.44
CA GLY A 98 5.49 17.91 -3.41
C GLY A 98 4.91 17.48 -2.08
N GLN A 99 4.56 16.19 -1.96
CA GLN A 99 4.04 15.62 -0.72
C GLN A 99 5.18 15.04 0.10
N THR A 100 5.08 15.10 1.42
CA THR A 100 6.15 14.60 2.30
C THR A 100 5.65 13.46 3.19
N PHE A 101 6.57 12.54 3.52
CA PHE A 101 6.24 11.34 4.26
C PHE A 101 7.35 11.07 5.28
N ASN A 102 6.99 10.46 6.39
CA ASN A 102 7.96 10.14 7.42
C ASN A 102 7.92 8.67 7.84
N PHE A 103 7.17 7.86 7.08
CA PHE A 103 6.89 6.47 7.47
C PHE A 103 6.53 5.67 6.22
N VAL A 104 6.90 4.39 6.19
CA VAL A 104 6.46 3.49 5.13
C VAL A 104 6.09 2.11 5.67
N LEU A 105 4.96 1.58 5.21
CA LEU A 105 4.59 0.19 5.43
C LEU A 105 4.88 -0.59 4.16
N ILE A 106 5.65 -1.66 4.29
CA ILE A 106 6.00 -2.49 3.15
C ILE A 106 5.23 -3.79 3.24
N ASN A 107 4.57 -4.14 2.14
CA ASN A 107 3.88 -5.42 1.99
C ASN A 107 4.49 -6.16 0.81
N ARG A 108 5.01 -7.37 1.07
CA ARG A 108 5.60 -8.19 0.02
C ARG A 108 4.74 -9.42 -0.27
N TYR A 109 4.32 -9.52 -1.53
CA TYR A 109 3.44 -10.58 -1.98
C TYR A 109 4.30 -11.55 -2.77
N LYS A 110 4.61 -12.71 -2.18
CA LYS A 110 5.58 -13.65 -2.77
C LYS A 110 5.17 -14.12 -4.17
N ASP A 111 3.86 -14.22 -4.38
CA ASP A 111 3.27 -14.60 -5.66
C ASP A 111 1.77 -14.32 -5.56
N GLY A 112 1.01 -14.78 -6.55
CA GLY A 112 -0.42 -14.51 -6.62
C GLY A 112 -1.28 -15.07 -5.50
N SER A 113 -0.72 -15.98 -4.70
N SER A 113 -0.73 -15.99 -4.71
CA SER A 113 -1.43 -16.58 -3.58
CA SER A 113 -1.49 -16.54 -3.60
C SER A 113 -1.31 -15.75 -2.31
C SER A 113 -1.40 -15.65 -2.36
N ASP A 114 -0.34 -14.83 -2.28
CA ASP A 114 -0.27 -13.80 -1.24
C ASP A 114 -1.24 -12.69 -1.66
N HIS A 115 -1.90 -12.07 -0.68
CA HIS A 115 -2.99 -11.14 -1.00
C HIS A 115 -3.34 -10.28 0.20
N ILE A 116 -4.25 -9.33 0.01
CA ILE A 116 -4.80 -8.56 1.12
C ILE A 116 -6.27 -8.33 0.86
N CYS A 117 -7.09 -8.61 1.88
CA CYS A 117 -8.53 -8.43 1.78
C CYS A 117 -8.94 -6.97 1.85
N GLU A 118 -10.19 -6.71 1.50
CA GLU A 118 -10.83 -5.41 1.56
C GLU A 118 -10.49 -4.68 2.87
N HIS A 119 -9.95 -3.48 2.77
CA HIS A 119 -9.64 -2.69 3.97
C HIS A 119 -9.47 -1.21 3.64
N ARG A 120 -9.53 -0.39 4.69
CA ARG A 120 -9.20 1.03 4.58
C ARG A 120 -7.90 1.30 5.32
N ASP A 121 -7.10 2.22 4.79
CA ASP A 121 -5.97 2.78 5.53
C ASP A 121 -6.50 3.98 6.32
N ASP A 122 -7.37 3.70 7.28
CA ASP A 122 -7.81 4.74 8.21
C ASP A 122 -7.15 4.47 9.57
N GLU A 123 -6.11 3.63 9.51
CA GLU A 123 -5.03 3.71 10.47
C GLU A 123 -4.81 5.20 10.63
N ARG A 124 -5.11 5.72 11.82
CA ARG A 124 -4.98 7.15 12.06
C ARG A 124 -4.00 7.53 13.18
N ASP A 125 -2.80 6.96 13.07
CA ASP A 125 -1.61 7.61 13.58
C ASP A 125 -1.28 8.68 12.53
N LEU A 126 -2.09 8.71 11.46
CA LEU A 126 -1.88 9.59 10.31
C LEU A 126 -2.25 11.04 10.57
N ALA A 127 -1.54 11.94 9.90
CA ALA A 127 -1.86 13.36 9.91
C ALA A 127 -3.20 13.59 9.19
N PRO A 128 -4.05 14.48 9.72
CA PRO A 128 -5.39 14.72 9.17
C PRO A 128 -5.36 15.15 7.69
N GLY A 129 -6.07 14.38 6.86
CA GLY A 129 -6.22 14.69 5.44
C GLY A 129 -5.01 14.44 4.56
N SER A 130 -3.95 13.86 5.13
CA SER A 130 -2.72 13.60 4.40
C SER A 130 -2.89 12.41 3.44
N PRO A 131 -2.24 12.49 2.26
CA PRO A 131 -2.34 11.40 1.30
C PRO A 131 -1.40 10.24 1.63
N ILE A 132 -1.66 9.09 1.01
CA ILE A 132 -0.78 7.94 1.10
C ILE A 132 -0.28 7.61 -0.30
N ALA A 133 1.03 7.41 -0.41
CA ALA A 133 1.66 7.13 -1.70
C ALA A 133 1.99 5.65 -1.78
N SER A 134 1.32 4.95 -2.69
CA SER A 134 1.48 3.51 -2.84
C SER A 134 2.36 3.23 -4.05
N VAL A 135 3.59 2.78 -3.79
CA VAL A 135 4.59 2.56 -4.82
C VAL A 135 4.85 1.07 -4.98
N SER A 136 4.85 0.57 -6.21
CA SER A 136 4.93 -0.87 -6.46
C SER A 136 6.11 -1.28 -7.31
N PHE A 137 6.77 -2.38 -6.93
CA PHE A 137 7.87 -2.95 -7.70
C PHE A 137 7.70 -4.45 -7.84
N GLY A 138 8.11 -4.99 -8.98
CA GLY A 138 8.00 -6.42 -9.24
C GLY A 138 6.80 -6.75 -10.10
N ALA A 139 6.11 -7.83 -9.77
CA ALA A 139 4.97 -8.31 -10.56
C ALA A 139 3.83 -7.31 -10.55
N SER A 140 3.23 -7.08 -11.72
CA SER A 140 1.95 -6.37 -11.79
C SER A 140 0.92 -7.17 -11.01
N ARG A 141 0.09 -6.46 -10.25
CA ARG A 141 -1.03 -7.10 -9.53
C ARG A 141 -2.30 -6.27 -9.65
N ASP A 142 -3.41 -6.96 -9.82
CA ASP A 142 -4.73 -6.33 -9.87
C ASP A 142 -5.13 -5.76 -8.51
N PHE A 143 -5.64 -4.52 -8.53
CA PHE A 143 -6.00 -3.77 -7.33
C PHE A 143 -7.48 -3.40 -7.50
N VAL A 144 -8.25 -3.46 -6.42
CA VAL A 144 -9.69 -3.20 -6.50
C VAL A 144 -10.14 -2.17 -5.46
N PHE A 145 -10.85 -1.14 -5.91
CA PHE A 145 -11.50 -0.18 -5.01
C PHE A 145 -12.98 -0.55 -4.97
N ARG A 146 -13.53 -0.67 -3.76
CA ARG A 146 -14.97 -0.91 -3.59
C ARG A 146 -15.55 0.07 -2.57
N HIS A 147 -16.67 0.71 -2.91
CA HIS A 147 -17.29 1.70 -2.04
C HIS A 147 -17.84 1.06 -0.76
N LYS A 148 -17.74 1.79 0.34
CA LYS A 148 -18.12 1.26 1.65
C LYS A 148 -19.56 0.77 1.72
N ASP A 149 -20.45 1.41 0.95
CA ASP A 149 -21.86 1.04 0.97
C ASP A 149 -22.25 0.05 -0.13
N SER A 150 -21.24 -0.54 -0.78
N SER A 150 -21.22 -0.52 -0.78
CA SER A 150 -21.47 -1.51 -1.85
CA SER A 150 -21.43 -1.50 -1.84
C SER A 150 -20.92 -2.90 -1.51
C SER A 150 -20.73 -2.82 -1.54
N ARG A 151 -20.58 -3.11 -0.25
CA ARG A 151 -19.95 -4.34 0.22
C ARG A 151 -20.95 -5.35 0.75
N GLY A 152 -20.55 -6.61 0.77
CA GLY A 152 -21.36 -7.66 1.38
C GLY A 152 -22.46 -8.21 0.50
N LYS A 153 -23.29 -9.05 1.09
CA LYS A 153 -24.31 -9.82 0.38
C LYS A 153 -25.46 -8.96 -0.17
N SER A 154 -25.94 -8.03 0.63
CA SER A 154 -27.06 -7.19 0.22
C SER A 154 -26.71 -5.72 0.41
N PRO A 155 -25.80 -5.21 -0.44
CA PRO A 155 -25.30 -3.86 -0.24
C PRO A 155 -26.39 -2.82 -0.39
N SER A 156 -26.29 -1.76 0.40
N SER A 156 -26.29 -1.76 0.42
CA SER A 156 -27.26 -0.67 0.37
CA SER A 156 -27.23 -0.65 0.38
C SER A 156 -27.25 0.07 -0.97
C SER A 156 -27.25 0.02 -0.99
N ARG A 157 -26.07 0.13 -1.59
CA ARG A 157 -25.91 0.78 -2.89
C ARG A 157 -25.08 -0.08 -3.83
N ARG A 158 -25.24 0.12 -5.12
CA ARG A 158 -24.49 -0.63 -6.12
C ARG A 158 -23.53 0.30 -6.87
N VAL A 159 -22.63 0.94 -6.12
CA VAL A 159 -21.60 1.79 -6.70
C VAL A 159 -20.58 0.89 -7.40
N ALA A 160 -20.26 1.24 -8.64
CA ALA A 160 -19.39 0.43 -9.49
C ALA A 160 -18.01 0.30 -8.86
N VAL A 161 -17.46 -0.91 -8.97
CA VAL A 161 -16.11 -1.23 -8.54
C VAL A 161 -15.12 -0.57 -9.50
N VAL A 162 -13.99 -0.12 -8.98
CA VAL A 162 -12.92 0.44 -9.81
C VAL A 162 -11.71 -0.49 -9.76
N ARG A 163 -11.35 -1.02 -10.92
CA ARG A 163 -10.28 -2.01 -11.04
C ARG A 163 -9.12 -1.46 -11.84
N LEU A 164 -7.90 -1.68 -11.37
CA LEU A 164 -6.74 -1.38 -12.21
C LEU A 164 -5.54 -2.20 -11.79
N PRO A 165 -4.69 -2.56 -12.76
CA PRO A 165 -3.45 -3.20 -12.35
C PRO A 165 -2.43 -2.16 -11.93
N LEU A 166 -1.71 -2.46 -10.86
CA LEU A 166 -0.62 -1.60 -10.43
C LEU A 166 0.68 -2.19 -10.96
N ALA A 167 1.32 -1.44 -11.85
CA ALA A 167 2.49 -1.94 -12.58
C ALA A 167 3.81 -1.69 -11.85
N HIS A 168 4.85 -2.37 -12.33
CA HIS A 168 6.23 -2.22 -11.87
C HIS A 168 6.68 -0.76 -12.01
N GLY A 169 7.13 -0.18 -10.91
CA GLY A 169 7.55 1.23 -10.86
C GLY A 169 6.43 2.26 -10.75
N SER A 170 5.21 1.80 -10.49
CA SER A 170 4.06 2.72 -10.46
C SER A 170 3.85 3.39 -9.10
N LEU A 171 3.20 4.55 -9.17
CA LEU A 171 2.74 5.28 -7.98
C LEU A 171 1.23 5.44 -8.06
N LEU A 172 0.55 5.04 -6.99
CA LEU A 172 -0.86 5.35 -6.79
C LEU A 172 -0.96 6.26 -5.58
N MET A 173 -1.30 7.52 -5.83
N MET A 173 -1.30 7.52 -5.79
CA MET A 173 -1.57 8.48 -4.78
CA MET A 173 -1.48 8.44 -4.67
C MET A 173 -3.02 8.32 -4.34
C MET A 173 -2.96 8.45 -4.28
N MET A 174 -3.23 7.99 -3.07
CA MET A 174 -4.60 7.92 -2.54
C MET A 174 -4.88 9.13 -1.65
N ASN A 175 -5.76 10.01 -2.14
CA ASN A 175 -6.07 11.25 -1.45
C ASN A 175 -7.35 11.17 -0.65
N HIS A 176 -7.37 11.87 0.48
CA HIS A 176 -8.61 12.08 1.24
C HIS A 176 -9.69 12.58 0.28
N PRO A 177 -10.93 12.04 0.38
CA PRO A 177 -11.44 11.10 1.37
C PRO A 177 -11.52 9.64 0.89
N THR A 178 -10.61 9.23 0.02
CA THR A 178 -10.62 7.85 -0.51
C THR A 178 -10.74 6.81 0.59
N ASN A 179 -9.86 6.91 1.59
CA ASN A 179 -9.81 5.94 2.68
C ASN A 179 -10.94 6.05 3.70
N THR A 180 -11.81 7.03 3.52
CA THR A 180 -13.04 7.12 4.32
C THR A 180 -14.16 6.33 3.64
N HIS A 181 -14.35 6.56 2.34
CA HIS A 181 -15.49 6.04 1.60
C HIS A 181 -15.24 4.76 0.81
N TRP A 182 -13.97 4.42 0.60
CA TRP A 182 -13.64 3.25 -0.20
C TRP A 182 -12.73 2.28 0.52
N TYR A 183 -12.95 0.99 0.26
CA TYR A 183 -12.05 -0.06 0.68
C TYR A 183 -11.22 -0.48 -0.52
N HIS A 184 -10.00 -0.97 -0.28
CA HIS A 184 -9.24 -1.54 -1.39
C HIS A 184 -8.65 -2.90 -1.03
N SER A 185 -8.32 -3.67 -2.06
CA SER A 185 -7.85 -5.02 -1.87
C SER A 185 -6.93 -5.42 -3.01
N LEU A 186 -6.18 -6.49 -2.78
CA LEU A 186 -5.32 -7.09 -3.80
C LEU A 186 -5.72 -8.56 -3.86
N PRO A 187 -6.62 -8.91 -4.78
CA PRO A 187 -7.14 -10.28 -4.81
C PRO A 187 -6.11 -11.33 -5.22
N VAL A 188 -6.34 -12.56 -4.78
CA VAL A 188 -5.55 -13.71 -5.24
C VAL A 188 -5.61 -13.81 -6.77
N ARG A 189 -4.44 -13.99 -7.37
CA ARG A 189 -4.31 -14.18 -8.81
C ARG A 189 -3.35 -15.34 -9.03
N LYS A 190 -3.90 -16.55 -9.13
CA LYS A 190 -3.10 -17.77 -9.10
C LYS A 190 -2.06 -17.88 -10.22
N LYS A 191 -2.29 -17.18 -11.33
CA LYS A 191 -1.39 -17.23 -12.49
C LYS A 191 -0.15 -16.35 -12.31
N VAL A 192 -0.13 -15.53 -11.27
CA VAL A 192 1.03 -14.69 -10.97
C VAL A 192 2.00 -15.49 -10.12
N LEU A 193 3.21 -15.71 -10.65
CA LEU A 193 4.18 -16.57 -9.99
C LEU A 193 5.33 -15.79 -9.36
N ALA A 194 5.40 -14.49 -9.67
CA ALA A 194 6.52 -13.63 -9.30
C ALA A 194 6.17 -12.72 -8.14
N PRO A 195 7.19 -12.30 -7.36
CA PRO A 195 6.95 -11.45 -6.19
C PRO A 195 6.69 -9.97 -6.52
N ARG A 196 5.98 -9.31 -5.61
CA ARG A 196 5.69 -7.89 -5.71
C ARG A 196 5.96 -7.25 -4.36
N VAL A 197 6.66 -6.11 -4.37
CA VAL A 197 6.86 -5.33 -3.16
C VAL A 197 6.10 -4.01 -3.27
N ASN A 198 5.18 -3.79 -2.34
CA ASN A 198 4.44 -2.55 -2.30
C ASN A 198 4.83 -1.72 -1.10
N LEU A 199 5.07 -0.43 -1.35
CA LEU A 199 5.44 0.50 -0.29
C LEU A 199 4.38 1.59 -0.17
N THR A 200 3.77 1.69 1.01
CA THR A 200 2.81 2.75 1.25
C THR A 200 3.39 3.77 2.22
N PHE A 201 3.81 4.89 1.64
CA PHE A 201 4.38 6.00 2.39
C PHE A 201 3.28 6.83 3.01
N ARG A 202 3.50 7.21 4.26
CA ARG A 202 2.49 7.86 5.06
C ARG A 202 3.12 9.01 5.84
N LYS A 203 2.28 9.97 6.22
CA LYS A 203 2.69 11.02 7.11
C LYS A 203 1.99 10.77 8.43
N ILE A 204 2.76 10.26 9.40
CA ILE A 204 2.19 9.93 10.71
C ILE A 204 2.50 11.03 11.72
N LEU A 205 1.69 11.09 12.78
CA LEU A 205 1.83 12.09 13.84
C LEU A 205 3.14 11.92 14.59
N LEU A 206 3.69 13.03 15.07
CA LEU A 206 4.98 13.06 15.75
C LEU A 206 4.84 12.83 17.25
C1 GOL D . 4.19 -14.65 3.23
O1 GOL D . 4.88 -14.46 2.01
C2 GOL D . 3.72 -16.10 3.42
O2 GOL D . 2.94 -16.52 2.32
C3 GOL D . 2.90 -16.21 4.70
O3 GOL D . 2.55 -17.56 4.94
CA XL3 E . -12.31 -14.16 2.15
CB XL3 E . -12.07 -12.84 2.89
CC XL3 E . -11.80 -11.72 1.85
SG XL3 E . -10.07 -11.69 1.27
#